data_6THA
#
_entry.id   6THA
#
_cell.length_a   120.000
_cell.length_b   102.180
_cell.length_c   69.000
_cell.angle_alpha   90.000
_cell.angle_beta   98.890
_cell.angle_gamma   90.000
#
_symmetry.space_group_name_H-M   'C 1 2 1'
#
loop_
_entity.id
_entity.type
_entity.pdbx_description
1 polymer 'Solute carrier family 2, facilitated glucose transporter member 1'
2 non-polymer 'nonyl beta-D-glucopyranoside'
3 non-polymer 3,6,9,12,15,18-HEXAOXAICOSANE-1,20-DIOL
4 non-polymer 'CHLORIDE ION'
5 water water
#
_entity_poly.entity_id   1
_entity_poly.type   'polypeptide(L)'
_entity_poly.pdbx_seq_one_letter_code
;MEPSSKKLTGRLMLAVGGAVLGSLQFGYNTGVINAPQKVIEEFYNQTWVHRYGESILPTTLTTLWSLSVAIFSVGGMIGS
FSVGLFVNRFGRRNSMLMMNLLAFVSAVLMGFSKLGKSFEMLILGRFIIGVYCGLTTGFVPMYVGEVSPTALRGALGTLH
QLGIVVGILIAQVFGLDSIMGNKDLWPLLLSIIFIPALLQCIVLPFCPESPRFLLINRNEENRAKSVLKKLRGTADVTHD
LQEMKEESRQMMREKKVTILELFRSPAYRQPILIAVVLQLSQQLSGINAVFYYSTSIFEKAGVQQPVYATIGSGIVNTAF
TVVSLFVVERAGRRTLHLIGLAGMAGCAILMTIALALLEQLPWMSYLSIVAIFGFVAFFEVGPGPIPWFIVAELFSQGPR
PAAIAVAGFSNWTSNFIVGMCFQYVEQLCGPYVFIIFTVLLVLFFIFTYFKVPETKGRTFDEIASGFRQGGASQSDKTPE
ELFHPLGADSQVLVPR
;
_entity_poly.pdbx_strand_id   A
#
loop_
_chem_comp.id
_chem_comp.type
_chem_comp.name
_chem_comp.formula
BNG D-saccharide 'nonyl beta-D-glucopyranoside' 'C15 H30 O6'
CL non-polymer 'CHLORIDE ION' 'Cl -1'
P33 non-polymer 3,6,9,12,15,18-HEXAOXAICOSANE-1,20-DIOL 'C14 H30 O8'
#
# COMPACT_ATOMS: atom_id res chain seq x y z
N LEU A 8 16.24 -19.37 -5.14
CA LEU A 8 17.51 -19.94 -5.55
C LEU A 8 18.09 -20.85 -4.47
N THR A 9 18.68 -20.22 -3.46
CA THR A 9 19.50 -20.95 -2.49
C THR A 9 18.67 -21.91 -1.66
N GLY A 10 17.56 -21.44 -1.11
CA GLY A 10 16.85 -22.18 -0.08
C GLY A 10 16.79 -21.35 1.18
N ARG A 11 17.97 -21.01 1.73
CA ARG A 11 18.01 -20.00 2.78
C ARG A 11 17.60 -18.63 2.24
N LEU A 12 17.88 -18.36 0.97
CA LEU A 12 17.39 -17.13 0.35
C LEU A 12 15.86 -17.12 0.31
N MET A 13 15.25 -18.27 0.01
CA MET A 13 13.79 -18.36 0.00
C MET A 13 13.21 -18.05 1.39
N LEU A 14 13.81 -18.61 2.43
CA LEU A 14 13.34 -18.35 3.79
C LEU A 14 13.42 -16.87 4.13
N ALA A 15 14.52 -16.21 3.78
CA ALA A 15 14.68 -14.80 4.12
C ALA A 15 13.63 -13.95 3.41
N VAL A 16 13.51 -14.11 2.08
CA VAL A 16 12.49 -13.36 1.34
C VAL A 16 11.09 -13.73 1.79
N GLY A 17 10.84 -15.03 2.01
CA GLY A 17 9.53 -15.45 2.45
C GLY A 17 9.12 -14.81 3.77
N GLY A 18 10.00 -14.87 4.77
CA GLY A 18 9.73 -14.20 6.03
C GLY A 18 9.61 -12.71 5.91
N ALA A 19 10.27 -12.10 4.92
CA ALA A 19 10.19 -10.66 4.77
C ALA A 19 8.83 -10.24 4.22
N VAL A 20 8.36 -10.91 3.17
CA VAL A 20 7.14 -10.47 2.48
C VAL A 20 5.87 -10.86 3.22
N LEU A 21 5.98 -11.55 4.35
CA LEU A 21 4.83 -11.66 5.24
C LEU A 21 4.30 -10.28 5.59
N GLY A 22 5.20 -9.33 5.84
CA GLY A 22 4.80 -7.96 6.06
C GLY A 22 4.20 -7.31 4.84
N SER A 23 4.56 -7.76 3.64
CA SER A 23 3.86 -7.31 2.44
C SER A 23 2.42 -7.79 2.45
N LEU A 24 2.21 -9.06 2.81
CA LEU A 24 0.87 -9.58 3.05
C LEU A 24 0.14 -8.75 4.10
N GLN A 25 0.81 -8.44 5.22
CA GLN A 25 0.23 -7.59 6.25
C GLN A 25 -0.19 -6.24 5.66
N PHE A 26 0.61 -5.69 4.75
CA PHE A 26 0.32 -4.37 4.22
C PHE A 26 -0.98 -4.38 3.43
N GLY A 27 -1.17 -5.40 2.59
CA GLY A 27 -2.38 -5.47 1.80
C GLY A 27 -3.61 -5.81 2.64
N TYR A 28 -3.47 -6.77 3.56
CA TYR A 28 -4.61 -7.18 4.37
C TYR A 28 -5.18 -5.99 5.14
N ASN A 29 -4.31 -5.22 5.78
CA ASN A 29 -4.77 -4.06 6.54
C ASN A 29 -5.24 -2.93 5.66
N THR A 30 -4.94 -2.97 4.36
CA THR A 30 -5.42 -1.96 3.43
C THR A 30 -6.88 -2.19 3.08
N GLY A 31 -7.22 -3.43 2.71
CA GLY A 31 -8.54 -3.71 2.20
C GLY A 31 -9.42 -4.58 3.07
N VAL A 32 -9.13 -4.67 4.37
CA VAL A 32 -9.98 -5.45 5.27
C VAL A 32 -11.18 -4.64 5.77
N ILE A 33 -11.12 -3.31 5.74
CA ILE A 33 -12.18 -2.48 6.29
C ILE A 33 -13.29 -2.22 5.28
N ASN A 34 -13.27 -2.92 4.15
CA ASN A 34 -14.23 -2.67 3.06
C ASN A 34 -15.51 -3.48 3.24
N ALA A 35 -15.42 -4.80 3.07
CA ALA A 35 -16.60 -5.66 3.19
C ALA A 35 -17.35 -5.53 4.51
N PRO A 36 -16.71 -5.35 5.68
CA PRO A 36 -17.49 -5.31 6.93
C PRO A 36 -17.85 -3.91 7.39
N GLN A 37 -17.79 -2.93 6.49
CA GLN A 37 -18.18 -1.57 6.84
C GLN A 37 -19.53 -1.55 7.55
N LYS A 38 -20.56 -2.13 6.92
CA LYS A 38 -21.90 -2.06 7.49
C LYS A 38 -21.97 -2.71 8.86
N VAL A 39 -21.31 -3.87 9.03
CA VAL A 39 -21.41 -4.52 10.34
C VAL A 39 -20.59 -3.77 11.39
N ILE A 40 -19.47 -3.15 11.02
CA ILE A 40 -18.76 -2.36 12.00
C ILE A 40 -19.48 -1.04 12.26
N GLU A 41 -20.04 -0.43 11.21
CA GLU A 41 -20.87 0.74 11.41
C GLU A 41 -22.05 0.44 12.33
N GLU A 42 -22.67 -0.74 12.18
CA GLU A 42 -23.72 -1.15 13.12
C GLU A 42 -23.20 -1.17 14.55
N PHE A 43 -21.99 -1.73 14.75
CA PHE A 43 -21.37 -1.73 16.07
C PHE A 43 -21.15 -0.31 16.59
N TYR A 44 -20.65 0.58 15.72
CA TYR A 44 -20.51 1.99 16.10
C TYR A 44 -21.85 2.54 16.59
N ASN A 45 -22.92 2.29 15.83
CA ASN A 45 -24.25 2.76 16.23
C ASN A 45 -24.69 2.09 17.53
N GLN A 46 -24.52 0.77 17.62
CA GLN A 46 -24.88 0.08 18.85
C GLN A 46 -24.13 0.66 20.05
N THR A 47 -22.83 0.95 19.87
CA THR A 47 -22.07 1.62 20.91
C THR A 47 -22.64 3.01 21.20
N TRP A 48 -22.94 3.77 20.15
CA TRP A 48 -23.42 5.14 20.33
C TRP A 48 -24.74 5.16 21.11
N VAL A 49 -25.63 4.21 20.84
CA VAL A 49 -26.88 4.19 21.61
C VAL A 49 -26.62 3.69 23.02
N HIS A 50 -25.63 2.82 23.21
CA HIS A 50 -25.30 2.34 24.55
C HIS A 50 -24.79 3.47 25.43
N ARG A 51 -24.01 4.40 24.87
CA ARG A 51 -23.43 5.45 25.68
C ARG A 51 -24.43 6.59 25.92
N TYR A 52 -25.10 7.05 24.87
CA TYR A 52 -25.92 8.25 24.95
C TYR A 52 -27.41 7.99 24.95
N GLY A 53 -27.87 6.85 24.42
CA GLY A 53 -29.27 6.53 24.37
C GLY A 53 -29.94 6.84 23.05
N GLU A 54 -29.31 7.63 22.19
CA GLU A 54 -29.85 7.98 20.89
C GLU A 54 -29.05 7.28 19.79
N SER A 55 -29.68 7.11 18.63
CA SER A 55 -28.96 6.58 17.48
C SER A 55 -27.92 7.58 17.00
N ILE A 56 -26.85 7.05 16.40
CA ILE A 56 -25.80 7.91 15.89
C ILE A 56 -26.32 8.70 14.70
N LEU A 57 -25.91 9.96 14.60
CA LEU A 57 -26.30 10.76 13.46
C LEU A 57 -25.65 10.22 12.20
N PRO A 58 -26.34 10.26 11.05
CA PRO A 58 -25.74 9.69 9.83
C PRO A 58 -24.44 10.38 9.41
N THR A 59 -24.35 11.69 9.53
CA THR A 59 -23.10 12.36 9.17
C THR A 59 -22.00 12.08 10.19
N THR A 60 -22.35 11.98 11.47
CA THR A 60 -21.37 11.55 12.48
C THR A 60 -20.85 10.15 12.19
N LEU A 61 -21.74 9.22 11.85
CA LEU A 61 -21.30 7.88 11.47
C LEU A 61 -20.38 7.91 10.26
N THR A 62 -20.66 8.81 9.31
CA THR A 62 -19.79 8.96 8.16
C THR A 62 -18.40 9.44 8.60
N THR A 63 -18.35 10.47 9.45
CA THR A 63 -17.07 10.99 9.92
C THR A 63 -16.33 9.93 10.73
N LEU A 64 -17.02 9.31 11.69
CA LEU A 64 -16.38 8.34 12.57
C LEU A 64 -15.84 7.16 11.79
N TRP A 65 -16.58 6.70 10.79
CA TRP A 65 -16.12 5.55 10.03
C TRP A 65 -15.03 5.96 9.02
N SER A 66 -15.18 7.13 8.41
CA SER A 66 -14.11 7.66 7.56
C SER A 66 -12.80 7.78 8.32
N LEU A 67 -12.85 8.34 9.53
CA LEU A 67 -11.68 8.44 10.38
C LEU A 67 -11.07 7.06 10.64
N SER A 68 -11.90 6.04 10.87
CA SER A 68 -11.37 4.70 11.12
C SER A 68 -10.65 4.15 9.90
N VAL A 69 -11.12 4.49 8.70
CA VAL A 69 -10.41 4.09 7.50
C VAL A 69 -9.15 4.93 7.32
N ALA A 70 -9.28 6.25 7.49
CA ALA A 70 -8.24 7.17 7.09
C ALA A 70 -7.10 7.25 8.10
N ILE A 71 -7.38 7.09 9.39
CA ILE A 71 -6.35 7.24 10.42
C ILE A 71 -5.19 6.29 10.15
N PHE A 72 -5.46 5.21 9.43
CA PHE A 72 -4.43 4.29 8.97
C PHE A 72 -3.36 5.01 8.15
N SER A 73 -3.78 5.91 7.26
CA SER A 73 -2.84 6.61 6.38
C SER A 73 -2.02 7.64 7.14
N VAL A 74 -2.64 8.33 8.11
CA VAL A 74 -1.88 9.21 9.01
C VAL A 74 -0.76 8.43 9.68
N GLY A 75 -1.05 7.19 10.11
CA GLY A 75 0.00 6.37 10.69
C GLY A 75 1.05 5.96 9.66
N GLY A 76 0.62 5.62 8.44
CA GLY A 76 1.56 5.23 7.41
C GLY A 76 2.56 6.32 7.06
N MET A 77 2.12 7.58 7.11
CA MET A 77 3.03 8.68 6.81
C MET A 77 4.14 8.76 7.84
N ILE A 78 3.80 8.54 9.10
CA ILE A 78 4.75 8.59 10.20
C ILE A 78 5.73 7.41 10.13
N GLY A 79 5.22 6.22 9.84
CA GLY A 79 6.09 5.05 9.78
C GLY A 79 7.05 5.10 8.61
N SER A 80 6.57 5.47 7.43
CA SER A 80 7.48 5.63 6.29
C SER A 80 8.53 6.68 6.58
N PHE A 81 8.15 7.73 7.29
CA PHE A 81 9.09 8.80 7.63
C PHE A 81 10.13 8.33 8.63
N SER A 82 9.81 7.31 9.44
CA SER A 82 10.71 6.81 10.47
C SER A 82 11.52 5.60 10.01
N VAL A 83 11.37 5.18 8.76
CA VAL A 83 12.06 3.98 8.27
C VAL A 83 13.56 4.10 8.49
N GLY A 84 14.15 5.21 8.03
CA GLY A 84 15.60 5.35 8.10
C GLY A 84 16.14 5.32 9.52
N LEU A 85 15.39 5.89 10.46
CA LEU A 85 15.77 5.84 11.87
C LEU A 85 16.04 4.41 12.32
N PHE A 86 15.10 3.50 12.01
CA PHE A 86 15.24 2.13 12.50
C PHE A 86 16.20 1.31 11.64
N VAL A 87 16.11 1.44 10.33
CA VAL A 87 16.78 0.51 9.44
C VAL A 87 18.29 0.65 9.52
N ASN A 88 18.80 1.85 9.78
CA ASN A 88 20.24 2.06 9.84
C ASN A 88 20.80 1.90 11.24
N ARG A 89 19.95 1.93 12.27
CA ARG A 89 20.42 1.76 13.65
C ARG A 89 20.37 0.30 14.10
N PHE A 90 19.27 -0.39 13.80
CA PHE A 90 19.03 -1.75 14.29
C PHE A 90 19.18 -2.83 13.21
N GLY A 91 19.31 -2.46 11.95
CA GLY A 91 19.32 -3.43 10.89
C GLY A 91 17.95 -3.62 10.28
N ARG A 92 17.93 -4.23 9.08
CA ARG A 92 16.69 -4.48 8.38
C ARG A 92 15.93 -5.63 9.02
N ARG A 93 16.63 -6.73 9.31
CA ARG A 93 15.96 -7.90 9.88
C ARG A 93 15.43 -7.63 11.28
N ASN A 94 16.25 -7.01 12.14
CA ASN A 94 15.83 -6.77 13.51
C ASN A 94 14.69 -5.76 13.58
N SER A 95 14.64 -4.80 12.64
CA SER A 95 13.54 -3.84 12.62
C SER A 95 12.22 -4.52 12.28
N MET A 96 12.23 -5.40 11.27
CA MET A 96 11.01 -6.15 10.95
C MET A 96 10.54 -6.97 12.14
N LEU A 97 11.47 -7.70 12.77
CA LEU A 97 11.14 -8.46 13.97
C LEU A 97 10.59 -7.56 15.06
N MET A 98 11.32 -6.49 15.37
CA MET A 98 10.89 -5.56 16.41
C MET A 98 9.49 -5.03 16.18
N MET A 99 9.16 -4.68 14.93
CA MET A 99 7.92 -3.97 14.68
C MET A 99 6.68 -4.86 14.75
N ASN A 100 6.84 -6.17 14.86
CA ASN A 100 5.66 -6.98 15.13
C ASN A 100 5.00 -6.58 16.43
N LEU A 101 5.74 -5.97 17.36
CA LEU A 101 5.10 -5.37 18.53
C LEU A 101 3.92 -4.50 18.09
N LEU A 102 4.11 -3.68 17.05
CA LEU A 102 3.02 -2.83 16.57
C LEU A 102 1.84 -3.65 16.09
N ALA A 103 2.10 -4.75 15.37
CA ALA A 103 1.01 -5.59 14.87
C ALA A 103 0.23 -6.25 16.00
N PHE A 104 0.94 -6.71 17.05
CA PHE A 104 0.23 -7.36 18.16
C PHE A 104 -0.56 -6.35 18.97
N VAL A 105 0.00 -5.16 19.18
CA VAL A 105 -0.73 -4.12 19.91
C VAL A 105 -1.99 -3.75 19.15
N SER A 106 -1.92 -3.75 17.82
CA SER A 106 -3.05 -3.33 17.01
C SER A 106 -4.12 -4.40 16.89
N ALA A 107 -3.69 -5.66 16.71
CA ALA A 107 -4.63 -6.78 16.73
C ALA A 107 -5.44 -6.80 18.01
N VAL A 108 -4.80 -6.48 19.13
CA VAL A 108 -5.47 -6.53 20.43
C VAL A 108 -6.44 -5.38 20.60
N LEU A 109 -6.05 -4.17 20.17
CA LEU A 109 -6.94 -3.02 20.27
C LEU A 109 -8.16 -3.19 19.37
N MET A 110 -7.96 -3.71 18.16
CA MET A 110 -9.08 -3.93 17.26
C MET A 110 -9.85 -5.20 17.61
N GLY A 111 -9.15 -6.26 18.02
CA GLY A 111 -9.82 -7.50 18.38
C GLY A 111 -10.74 -7.37 19.57
N PHE A 112 -10.42 -6.49 20.51
CA PHE A 112 -11.19 -6.37 21.75
C PHE A 112 -12.02 -5.09 21.81
N SER A 113 -12.11 -4.35 20.70
CA SER A 113 -12.89 -3.11 20.71
C SER A 113 -14.36 -3.39 20.93
N LYS A 114 -14.88 -4.51 20.44
CA LYS A 114 -16.28 -4.83 20.67
C LYS A 114 -16.52 -5.19 22.14
N LEU A 115 -15.72 -6.10 22.68
CA LEU A 115 -15.76 -6.36 24.11
C LEU A 115 -15.65 -5.07 24.92
N GLY A 116 -14.76 -4.17 24.49
CA GLY A 116 -14.60 -2.90 25.17
C GLY A 116 -15.64 -1.85 24.83
N LYS A 117 -16.49 -2.13 23.84
CA LYS A 117 -17.52 -1.19 23.40
C LYS A 117 -16.92 0.18 23.09
N SER A 118 -15.83 0.16 22.33
CA SER A 118 -15.02 1.37 22.11
C SER A 118 -14.59 1.40 20.65
N PHE A 119 -15.16 2.33 19.88
CA PHE A 119 -14.61 2.59 18.56
C PHE A 119 -13.29 3.35 18.63
N GLU A 120 -13.00 3.98 19.77
CA GLU A 120 -11.69 4.59 20.00
C GLU A 120 -10.58 3.55 19.91
N MET A 121 -10.75 2.41 20.59
CA MET A 121 -9.77 1.35 20.51
C MET A 121 -9.51 0.94 19.07
N LEU A 122 -10.57 0.76 18.30
CA LEU A 122 -10.45 0.36 16.91
C LEU A 122 -9.70 1.41 16.10
N ILE A 123 -10.08 2.67 16.26
CA ILE A 123 -9.40 3.74 15.55
C ILE A 123 -7.93 3.79 15.94
N LEU A 124 -7.65 3.73 17.25
CA LEU A 124 -6.27 3.70 17.72
C LEU A 124 -5.50 2.52 17.12
N GLY A 125 -6.11 1.34 17.11
CA GLY A 125 -5.48 0.19 16.49
C GLY A 125 -5.23 0.40 15.01
N ARG A 126 -6.17 1.06 14.33
CA ARG A 126 -6.01 1.36 12.92
C ARG A 126 -4.83 2.32 12.70
N PHE A 127 -4.71 3.34 13.56
CA PHE A 127 -3.57 4.24 13.48
C PHE A 127 -2.25 3.47 13.65
N ILE A 128 -2.18 2.64 14.69
CA ILE A 128 -0.94 1.94 15.02
C ILE A 128 -0.57 0.94 13.93
N ILE A 129 -1.56 0.17 13.43
CA ILE A 129 -1.23 -0.74 12.34
C ILE A 129 -0.87 0.05 11.09
N GLY A 130 -1.27 1.32 11.02
CA GLY A 130 -0.77 2.18 9.96
C GLY A 130 0.73 2.44 10.06
N VAL A 131 1.17 2.90 11.24
CA VAL A 131 2.60 3.09 11.48
C VAL A 131 3.40 1.84 11.09
N TYR A 132 2.89 0.66 11.45
CA TYR A 132 3.58 -0.57 11.13
C TYR A 132 3.71 -0.75 9.62
N CYS A 133 2.67 -0.39 8.87
CA CYS A 133 2.68 -0.64 7.43
C CYS A 133 3.53 0.39 6.68
N GLY A 134 3.55 1.64 7.15
CA GLY A 134 4.49 2.60 6.59
C GLY A 134 5.94 2.20 6.81
N LEU A 135 6.24 1.57 7.96
CA LEU A 135 7.60 1.09 8.21
C LEU A 135 7.91 -0.14 7.36
N THR A 136 6.91 -1.03 7.23
CA THR A 136 7.10 -2.28 6.50
C THR A 136 7.38 -2.04 5.03
N THR A 137 6.67 -1.09 4.41
CA THR A 137 6.86 -0.89 2.98
C THR A 137 8.21 -0.25 2.65
N GLY A 138 8.95 0.21 3.66
CA GLY A 138 10.35 0.55 3.50
C GLY A 138 11.29 -0.60 3.80
N PHE A 139 10.93 -1.42 4.81
CA PHE A 139 11.82 -2.47 5.29
C PHE A 139 11.99 -3.59 4.28
N VAL A 140 10.88 -4.10 3.73
CA VAL A 140 10.89 -5.29 2.88
C VAL A 140 11.64 -5.06 1.58
N PRO A 141 11.36 -3.98 0.83
CA PRO A 141 12.17 -3.74 -0.38
C PRO A 141 13.66 -3.69 -0.10
N MET A 142 14.08 -2.94 0.92
CA MET A 142 15.48 -2.90 1.32
C MET A 142 16.02 -4.30 1.60
N TYR A 143 15.39 -5.01 2.54
CA TYR A 143 15.88 -6.31 2.95
C TYR A 143 15.92 -7.29 1.79
N VAL A 144 14.80 -7.41 1.05
CA VAL A 144 14.76 -8.32 -0.09
C VAL A 144 15.78 -7.91 -1.15
N GLY A 145 15.94 -6.60 -1.35
CA GLY A 145 16.91 -6.13 -2.34
C GLY A 145 18.35 -6.36 -1.92
N GLU A 146 18.63 -6.23 -0.63
CA GLU A 146 19.99 -6.38 -0.13
C GLU A 146 20.37 -7.83 0.14
N VAL A 147 19.39 -8.70 0.35
CA VAL A 147 19.68 -10.08 0.70
C VAL A 147 19.79 -10.98 -0.53
N SER A 148 19.29 -10.53 -1.68
CA SER A 148 19.15 -11.37 -2.87
C SER A 148 20.26 -11.12 -3.86
N PRO A 149 20.54 -12.09 -4.74
CA PRO A 149 21.58 -11.89 -5.76
C PRO A 149 21.21 -10.80 -6.75
N THR A 150 22.23 -10.30 -7.44
CA THR A 150 22.04 -9.17 -8.34
C THR A 150 21.09 -9.54 -9.48
N ALA A 151 21.29 -10.72 -10.08
CA ALA A 151 20.42 -11.13 -11.18
C ALA A 151 19.01 -11.39 -10.70
N LEU A 152 18.83 -11.78 -9.44
CA LEU A 152 17.52 -12.12 -8.91
C LEU A 152 16.88 -10.98 -8.12
N ARG A 153 17.63 -9.93 -7.77
CA ARG A 153 17.10 -8.93 -6.86
C ARG A 153 15.99 -8.09 -7.49
N GLY A 154 15.89 -8.09 -8.82
CA GLY A 154 14.81 -7.39 -9.47
C GLY A 154 13.50 -8.16 -9.43
N ALA A 155 13.57 -9.45 -9.80
CA ALA A 155 12.39 -10.30 -9.75
C ALA A 155 11.88 -10.48 -8.33
N LEU A 156 12.79 -10.77 -7.38
CA LEU A 156 12.38 -10.97 -6.01
C LEU A 156 11.76 -9.72 -5.41
N GLY A 157 12.15 -8.54 -5.90
CA GLY A 157 11.57 -7.31 -5.39
C GLY A 157 10.09 -7.19 -5.64
N THR A 158 9.59 -7.82 -6.71
CA THR A 158 8.18 -7.74 -7.04
C THR A 158 7.30 -8.44 -6.00
N LEU A 159 7.88 -9.34 -5.21
CA LEU A 159 7.11 -10.01 -4.18
C LEU A 159 6.52 -9.04 -3.17
N HIS A 160 7.09 -7.84 -3.03
CA HIS A 160 6.50 -6.86 -2.13
C HIS A 160 5.11 -6.45 -2.61
N GLN A 161 5.00 -5.97 -3.84
CA GLN A 161 3.70 -5.54 -4.35
C GLN A 161 2.79 -6.73 -4.61
N LEU A 162 3.36 -7.88 -4.94
CA LEU A 162 2.57 -9.09 -5.04
C LEU A 162 1.92 -9.43 -3.70
N GLY A 163 2.72 -9.38 -2.62
CA GLY A 163 2.16 -9.63 -1.30
C GLY A 163 1.14 -8.60 -0.89
N ILE A 164 1.30 -7.37 -1.37
CA ILE A 164 0.31 -6.33 -1.09
C ILE A 164 -1.04 -6.69 -1.70
N VAL A 165 -1.05 -7.03 -3.00
CA VAL A 165 -2.33 -7.25 -3.67
C VAL A 165 -2.94 -8.59 -3.25
N VAL A 166 -2.11 -9.61 -3.05
CA VAL A 166 -2.63 -10.89 -2.55
C VAL A 166 -3.22 -10.71 -1.16
N GLY A 167 -2.59 -9.90 -0.31
CA GLY A 167 -3.13 -9.66 1.01
C GLY A 167 -4.40 -8.83 0.99
N ILE A 168 -4.55 -7.96 0.00
CA ILE A 168 -5.84 -7.29 -0.21
C ILE A 168 -6.91 -8.32 -0.54
N LEU A 169 -6.61 -9.22 -1.46
CA LEU A 169 -7.57 -10.23 -1.87
C LEU A 169 -7.96 -11.13 -0.70
N ILE A 170 -6.99 -11.49 0.15
CA ILE A 170 -7.29 -12.37 1.28
C ILE A 170 -8.22 -11.67 2.27
N ALA A 171 -7.92 -10.41 2.62
CA ALA A 171 -8.80 -9.63 3.47
C ALA A 171 -10.22 -9.54 2.89
N GLN A 172 -10.33 -9.40 1.57
CA GLN A 172 -11.64 -9.29 0.94
C GLN A 172 -12.42 -10.60 1.07
N VAL A 173 -11.78 -11.71 0.72
CA VAL A 173 -12.43 -13.01 0.82
C VAL A 173 -12.83 -13.29 2.27
N PHE A 174 -11.94 -12.99 3.21
CA PHE A 174 -12.25 -13.14 4.63
C PHE A 174 -13.39 -12.24 5.08
N GLY A 175 -13.81 -11.28 4.26
CA GLY A 175 -14.85 -10.34 4.63
C GLY A 175 -16.25 -10.77 4.29
N LEU A 176 -16.41 -11.90 3.62
CA LEU A 176 -17.73 -12.44 3.33
C LEU A 176 -18.49 -12.69 4.62
N ASP A 177 -19.82 -12.56 4.54
CA ASP A 177 -20.68 -12.95 5.67
C ASP A 177 -20.39 -14.37 6.10
N SER A 178 -20.09 -15.26 5.15
CA SER A 178 -19.87 -16.67 5.44
C SER A 178 -18.67 -16.92 6.35
N ILE A 179 -17.71 -16.00 6.41
CA ILE A 179 -16.56 -16.18 7.29
C ILE A 179 -16.10 -14.83 7.83
N MET A 180 -16.25 -14.62 9.14
CA MET A 180 -15.67 -13.49 9.86
C MET A 180 -16.19 -12.11 9.43
N GLY A 181 -16.76 -11.98 8.23
CA GLY A 181 -17.35 -10.70 7.85
C GLY A 181 -18.79 -10.55 8.28
N ASN A 182 -19.05 -10.64 9.59
CA ASN A 182 -20.41 -10.67 10.11
C ASN A 182 -20.42 -10.04 11.49
N LYS A 183 -21.59 -10.10 12.14
CA LYS A 183 -21.78 -9.38 13.40
C LYS A 183 -20.89 -9.93 14.52
N ASP A 184 -20.63 -11.23 14.52
CA ASP A 184 -19.97 -11.85 15.66
C ASP A 184 -18.46 -11.95 15.51
N LEU A 185 -17.95 -12.07 14.28
CA LEU A 185 -16.55 -12.44 14.05
C LEU A 185 -15.74 -11.34 13.38
N TRP A 186 -16.30 -10.14 13.20
CA TRP A 186 -15.53 -9.07 12.57
C TRP A 186 -14.34 -8.62 13.44
N PRO A 187 -14.38 -8.73 14.79
CA PRO A 187 -13.14 -8.42 15.53
C PRO A 187 -12.01 -9.38 15.22
N LEU A 188 -12.33 -10.66 15.00
CA LEU A 188 -11.32 -11.61 14.59
C LEU A 188 -10.80 -11.29 13.19
N LEU A 189 -11.66 -10.74 12.33
CA LEU A 189 -11.26 -10.32 10.99
C LEU A 189 -10.19 -9.25 11.05
N LEU A 190 -10.35 -8.28 11.94
CA LEU A 190 -9.34 -7.25 12.11
C LEU A 190 -8.13 -7.77 12.88
N SER A 191 -8.35 -8.69 13.81
CA SER A 191 -7.33 -9.14 14.75
C SER A 191 -6.44 -10.23 14.21
N ILE A 192 -6.87 -10.93 13.16
CA ILE A 192 -6.20 -12.15 12.71
C ILE A 192 -4.80 -11.89 12.18
N ILE A 193 -4.42 -10.61 12.06
CA ILE A 193 -3.09 -10.24 11.63
C ILE A 193 -2.01 -10.73 12.58
N PHE A 194 -2.39 -11.17 13.79
CA PHE A 194 -1.40 -11.70 14.71
C PHE A 194 -0.84 -13.03 14.23
N ILE A 195 -1.55 -13.72 13.34
CA ILE A 195 -1.05 -15.01 12.86
C ILE A 195 0.13 -14.78 11.93
N PRO A 196 0.04 -13.93 10.90
CA PRO A 196 1.26 -13.58 10.16
C PRO A 196 2.34 -13.00 11.04
N ALA A 197 1.97 -12.19 12.04
CA ALA A 197 2.93 -11.57 12.93
C ALA A 197 3.67 -12.62 13.77
N LEU A 198 2.92 -13.49 14.45
CA LEU A 198 3.57 -14.55 15.20
C LEU A 198 4.43 -15.41 14.29
N LEU A 199 3.97 -15.62 13.06
CA LEU A 199 4.74 -16.45 12.14
C LEU A 199 6.05 -15.79 11.76
N GLN A 200 6.05 -14.46 11.65
CA GLN A 200 7.28 -13.77 11.30
C GLN A 200 8.24 -13.69 12.48
N CYS A 201 7.71 -13.54 13.70
CA CYS A 201 8.54 -13.57 14.90
C CYS A 201 9.27 -14.90 15.06
N ILE A 202 8.72 -15.98 14.50
CA ILE A 202 9.37 -17.28 14.61
C ILE A 202 10.38 -17.50 13.49
N VAL A 203 10.12 -16.97 12.30
CA VAL A 203 11.00 -17.21 11.17
C VAL A 203 12.21 -16.28 11.19
N LEU A 204 11.99 -15.00 11.45
CA LEU A 204 13.06 -14.01 11.32
C LEU A 204 14.31 -14.30 12.15
N PRO A 205 14.22 -14.73 13.42
CA PRO A 205 15.46 -15.03 14.17
C PRO A 205 16.33 -16.06 13.49
N PHE A 206 15.81 -16.78 12.51
CA PHE A 206 16.59 -17.73 11.73
C PHE A 206 17.00 -17.19 10.38
N CYS A 207 16.54 -16.00 10.01
CA CYS A 207 16.91 -15.37 8.75
C CYS A 207 18.23 -14.62 8.91
N PRO A 208 19.00 -14.48 7.82
CA PRO A 208 20.26 -13.74 7.91
C PRO A 208 20.05 -12.24 7.86
N GLU A 209 20.91 -11.55 8.59
CA GLU A 209 20.95 -10.09 8.47
C GLU A 209 21.44 -9.71 7.09
N SER A 210 21.11 -8.49 6.69
CA SER A 210 21.50 -8.00 5.38
C SER A 210 23.03 -7.98 5.26
N PRO A 211 23.60 -8.63 4.23
CA PRO A 211 25.05 -8.51 4.03
C PRO A 211 25.47 -7.07 3.79
N ARG A 212 24.66 -6.31 3.04
CA ARG A 212 24.95 -4.90 2.84
C ARG A 212 24.97 -4.15 4.17
N PHE A 213 24.07 -4.50 5.08
CA PHE A 213 24.03 -3.83 6.37
C PHE A 213 25.25 -4.19 7.22
N LEU A 214 25.65 -5.47 7.23
CA LEU A 214 26.80 -5.87 8.02
C LEU A 214 28.10 -5.31 7.45
N LEU A 215 28.24 -5.28 6.13
CA LEU A 215 29.47 -4.80 5.52
C LEU A 215 29.61 -3.29 5.66
N ILE A 216 28.56 -2.54 5.30
CA ILE A 216 28.63 -1.08 5.27
C ILE A 216 28.32 -0.49 6.63
N ASN A 217 27.07 -0.65 7.08
CA ASN A 217 26.60 0.11 8.25
C ASN A 217 27.32 -0.29 9.53
N ARG A 218 27.82 -1.54 9.61
CA ARG A 218 28.50 -2.01 10.80
C ARG A 218 29.97 -2.35 10.58
N ASN A 219 30.45 -2.30 9.33
CA ASN A 219 31.86 -2.52 8.99
C ASN A 219 32.35 -3.89 9.49
N GLU A 220 31.57 -4.92 9.21
CA GLU A 220 31.91 -6.29 9.58
C GLU A 220 32.01 -7.10 8.29
N GLU A 221 33.13 -6.95 7.58
CA GLU A 221 33.33 -7.64 6.31
C GLU A 221 33.23 -9.15 6.47
N ASN A 222 33.87 -9.69 7.50
CA ASN A 222 33.91 -11.14 7.66
C ASN A 222 32.55 -11.72 8.03
N ARG A 223 31.75 -10.99 8.82
CA ARG A 223 30.39 -11.42 9.08
C ARG A 223 29.51 -11.28 7.84
N ALA A 224 29.70 -10.19 7.09
CA ALA A 224 29.02 -10.04 5.80
C ALA A 224 29.37 -11.18 4.87
N LYS A 225 30.66 -11.56 4.83
CA LYS A 225 31.09 -12.70 4.01
C LYS A 225 30.42 -13.99 4.46
N SER A 226 30.30 -14.20 5.78
CA SER A 226 29.70 -15.44 6.28
C SER A 226 28.21 -15.50 5.95
N VAL A 227 27.52 -14.36 6.00
CA VAL A 227 26.10 -14.34 5.65
C VAL A 227 25.93 -14.56 4.15
N LEU A 228 26.80 -13.96 3.34
CA LEU A 228 26.76 -14.22 1.91
C LEU A 228 27.02 -15.69 1.60
N LYS A 229 27.86 -16.35 2.39
CA LYS A 229 28.11 -17.78 2.19
C LYS A 229 26.84 -18.59 2.38
N LYS A 230 26.05 -18.27 3.40
CA LYS A 230 24.80 -19.00 3.61
C LYS A 230 23.75 -18.61 2.58
N LEU A 231 23.67 -17.32 2.25
CA LEU A 231 22.72 -16.86 1.25
C LEU A 231 23.07 -17.36 -0.15
N ARG A 232 24.36 -17.41 -0.46
CA ARG A 232 24.85 -17.92 -1.75
C ARG A 232 25.70 -19.14 -1.44
N GLY A 233 25.16 -20.33 -1.74
CA GLY A 233 25.79 -21.57 -1.31
C GLY A 233 27.27 -21.69 -1.70
N THR A 234 27.64 -21.18 -2.86
CA THR A 234 29.03 -21.30 -3.31
C THR A 234 29.96 -20.51 -2.41
N ALA A 235 31.23 -20.94 -2.36
CA ALA A 235 32.22 -20.30 -1.50
C ALA A 235 32.76 -19.01 -2.09
N ASP A 236 32.77 -18.88 -3.41
CA ASP A 236 33.32 -17.70 -4.08
C ASP A 236 32.25 -16.61 -4.11
N VAL A 237 32.13 -15.90 -2.99
CA VAL A 237 31.20 -14.78 -2.86
C VAL A 237 31.89 -13.45 -3.09
N THR A 238 33.10 -13.45 -3.64
CA THR A 238 33.85 -12.21 -3.83
C THR A 238 33.15 -11.27 -4.80
N HIS A 239 32.45 -11.82 -5.80
CA HIS A 239 31.68 -10.97 -6.72
C HIS A 239 30.62 -10.18 -5.96
N ASP A 240 29.91 -10.83 -5.04
CA ASP A 240 28.95 -10.13 -4.20
C ASP A 240 29.65 -9.10 -3.31
N LEU A 241 30.79 -9.48 -2.73
CA LEU A 241 31.55 -8.55 -1.90
C LEU A 241 32.03 -7.35 -2.72
N GLN A 242 32.58 -7.61 -3.91
CA GLN A 242 33.06 -6.51 -4.73
C GLN A 242 31.92 -5.59 -5.17
N GLU A 243 30.78 -6.17 -5.53
CA GLU A 243 29.64 -5.34 -5.94
C GLU A 243 29.12 -4.50 -4.78
N MET A 244 29.04 -5.08 -3.59
CA MET A 244 28.65 -4.30 -2.42
C MET A 244 29.70 -3.23 -2.11
N LYS A 245 30.97 -3.52 -2.38
CA LYS A 245 32.01 -2.51 -2.26
C LYS A 245 31.97 -1.53 -3.42
N GLU A 246 31.69 -2.03 -4.63
CA GLU A 246 31.56 -1.13 -5.78
C GLU A 246 30.35 -0.23 -5.65
N GLU A 247 29.22 -0.78 -5.17
CA GLU A 247 28.06 0.04 -4.86
C GLU A 247 28.35 1.00 -3.72
N SER A 248 29.18 0.59 -2.75
CA SER A 248 29.52 1.47 -1.64
C SER A 248 30.31 2.68 -2.13
N ARG A 249 31.32 2.45 -2.97
CA ARG A 249 32.10 3.56 -3.50
C ARG A 249 31.25 4.49 -4.33
N GLN A 250 30.35 3.94 -5.15
CA GLN A 250 29.46 4.78 -5.96
C GLN A 250 28.49 5.56 -5.08
N MET A 251 28.04 4.95 -3.97
CA MET A 251 27.13 5.65 -3.06
C MET A 251 27.86 6.73 -2.27
N MET A 252 29.15 6.56 -2.03
CA MET A 252 29.96 7.58 -1.37
C MET A 252 30.39 8.70 -2.31
N ARG A 253 30.16 8.57 -3.62
CA ARG A 253 30.54 9.62 -4.54
C ARG A 253 29.70 10.88 -4.36
N GLU A 254 28.43 10.73 -3.98
CA GLU A 254 27.53 11.85 -3.84
C GLU A 254 27.19 12.07 -2.36
N LYS A 255 26.92 13.32 -2.02
CA LYS A 255 26.45 13.65 -0.67
C LYS A 255 24.95 13.42 -0.60
N LYS A 256 24.50 12.75 0.46
CA LYS A 256 23.07 12.49 0.62
C LYS A 256 22.36 13.82 0.86
N VAL A 257 21.56 14.24 -0.12
CA VAL A 257 20.79 15.45 0.02
C VAL A 257 19.69 15.25 1.05
N THR A 258 19.42 16.27 1.85
CA THR A 258 18.32 16.25 2.80
C THR A 258 17.04 16.70 2.13
N ILE A 259 15.92 16.52 2.84
CA ILE A 259 14.63 16.95 2.32
C ILE A 259 14.63 18.46 2.10
N LEU A 260 15.09 19.23 3.09
CA LEU A 260 15.11 20.69 2.95
C LEU A 260 15.96 21.14 1.76
N GLU A 261 17.15 20.54 1.60
CA GLU A 261 17.97 20.89 0.45
C GLU A 261 17.27 20.59 -0.87
N LEU A 262 16.46 19.53 -0.91
CA LEU A 262 15.75 19.16 -2.13
C LEU A 262 14.79 20.27 -2.56
N PHE A 263 14.11 20.90 -1.60
CA PHE A 263 13.13 21.93 -1.90
C PHE A 263 13.79 23.28 -2.20
N ARG A 264 14.96 23.54 -1.60
CA ARG A 264 15.58 24.84 -1.70
C ARG A 264 16.41 24.98 -2.98
N SER A 265 16.94 23.87 -3.48
CA SER A 265 17.84 23.94 -4.62
C SER A 265 17.05 24.04 -5.91
N PRO A 266 17.17 25.13 -6.68
CA PRO A 266 16.51 25.20 -7.98
C PRO A 266 16.83 24.03 -8.88
N ALA A 267 17.94 23.32 -8.64
CA ALA A 267 18.27 22.13 -9.42
C ALA A 267 17.40 20.94 -9.08
N TYR A 268 16.79 20.90 -7.89
CA TYR A 268 15.94 19.78 -7.50
C TYR A 268 14.46 20.14 -7.40
N ARG A 269 14.08 21.41 -7.58
CA ARG A 269 12.69 21.79 -7.38
C ARG A 269 11.79 21.20 -8.46
N GLN A 270 12.23 21.20 -9.73
CA GLN A 270 11.39 20.62 -10.77
C GLN A 270 11.30 19.10 -10.69
N PRO A 271 12.41 18.33 -10.64
CA PRO A 271 12.25 16.87 -10.58
C PRO A 271 11.42 16.39 -9.40
N ILE A 272 11.53 17.05 -8.24
CA ILE A 272 10.69 16.66 -7.11
C ILE A 272 9.23 17.05 -7.35
N LEU A 273 8.96 18.02 -8.23
CA LEU A 273 7.58 18.33 -8.60
C LEU A 273 6.96 17.17 -9.36
N ILE A 274 7.65 16.67 -10.40
CA ILE A 274 7.18 15.51 -11.13
C ILE A 274 6.93 14.33 -10.19
N ALA A 275 7.87 14.09 -9.27
CA ALA A 275 7.75 12.94 -8.38
C ALA A 275 6.53 13.06 -7.46
N VAL A 276 6.29 14.25 -6.90
CA VAL A 276 5.16 14.44 -6.00
C VAL A 276 3.85 14.29 -6.77
N VAL A 277 3.67 15.05 -7.85
CA VAL A 277 2.44 15.01 -8.62
C VAL A 277 2.13 13.60 -9.11
N LEU A 278 3.18 12.83 -9.44
CA LEU A 278 2.94 11.45 -9.85
C LEU A 278 2.44 10.60 -8.70
N GLN A 279 2.90 10.86 -7.47
CA GLN A 279 2.33 10.18 -6.31
C GLN A 279 0.92 10.66 -6.03
N LEU A 280 0.64 11.94 -6.25
CA LEU A 280 -0.72 12.44 -6.17
C LEU A 280 -1.62 11.77 -7.19
N SER A 281 -1.10 11.56 -8.42
CA SER A 281 -1.91 10.96 -9.46
C SER A 281 -2.26 9.51 -9.14
N GLN A 282 -1.44 8.83 -8.33
CA GLN A 282 -1.75 7.45 -7.96
C GLN A 282 -2.92 7.40 -6.96
N GLN A 283 -2.88 8.23 -5.93
CA GLN A 283 -3.94 8.20 -4.93
C GLN A 283 -5.15 9.05 -5.33
N LEU A 284 -4.94 10.24 -5.88
CA LEU A 284 -6.07 11.07 -6.25
C LEU A 284 -6.78 10.57 -7.51
N SER A 285 -6.34 9.45 -8.08
CA SER A 285 -7.16 8.74 -9.06
C SER A 285 -8.38 8.12 -8.41
N GLY A 286 -8.39 8.00 -7.09
CA GLY A 286 -9.48 7.35 -6.39
C GLY A 286 -9.35 5.86 -6.30
N ILE A 287 -8.17 5.30 -6.52
CA ILE A 287 -7.99 3.84 -6.49
C ILE A 287 -8.49 3.25 -5.18
N ASN A 288 -8.31 3.97 -4.07
CA ASN A 288 -8.68 3.44 -2.78
C ASN A 288 -10.12 3.75 -2.39
N ALA A 289 -10.82 4.59 -3.15
CA ALA A 289 -12.27 4.57 -3.09
C ALA A 289 -12.78 3.15 -3.33
N VAL A 290 -12.19 2.47 -4.32
CA VAL A 290 -12.51 1.07 -4.56
C VAL A 290 -12.12 0.20 -3.36
N PHE A 291 -10.85 0.21 -2.98
CA PHE A 291 -10.40 -0.78 -2.01
C PHE A 291 -10.80 -0.45 -0.57
N TYR A 292 -11.24 0.77 -0.29
CA TYR A 292 -11.85 1.05 1.00
C TYR A 292 -13.37 0.92 0.99
N TYR A 293 -14.03 1.19 -0.16
CA TYR A 293 -15.47 1.38 -0.15
C TYR A 293 -16.21 0.64 -1.26
N SER A 294 -15.57 -0.24 -2.03
CA SER A 294 -16.25 -0.84 -3.17
C SER A 294 -17.52 -1.56 -2.75
N THR A 295 -17.49 -2.25 -1.61
CA THR A 295 -18.69 -2.93 -1.13
C THR A 295 -19.82 -1.94 -0.88
N SER A 296 -19.50 -0.79 -0.29
CA SER A 296 -20.52 0.25 -0.07
C SER A 296 -21.04 0.81 -1.38
N ILE A 297 -20.15 1.07 -2.35
CA ILE A 297 -20.61 1.67 -3.60
C ILE A 297 -21.32 0.64 -4.48
N PHE A 298 -20.91 -0.63 -4.43
CA PHE A 298 -21.61 -1.65 -5.18
C PHE A 298 -23.04 -1.84 -4.67
N GLU A 299 -23.25 -1.68 -3.36
CA GLU A 299 -24.59 -1.78 -2.81
C GLU A 299 -25.48 -0.66 -3.34
N LYS A 300 -24.97 0.58 -3.33
CA LYS A 300 -25.70 1.69 -3.93
C LYS A 300 -25.84 1.55 -5.44
N ALA A 301 -24.98 0.76 -6.08
CA ALA A 301 -25.14 0.43 -7.49
C ALA A 301 -26.10 -0.73 -7.70
N GLY A 302 -26.77 -1.18 -6.65
CA GLY A 302 -27.70 -2.29 -6.76
C GLY A 302 -27.06 -3.60 -7.15
N VAL A 303 -25.76 -3.77 -6.93
CA VAL A 303 -25.12 -5.03 -7.30
C VAL A 303 -25.69 -6.15 -6.45
N GLN A 304 -26.00 -7.27 -7.11
CA GLN A 304 -26.31 -8.57 -6.52
C GLN A 304 -25.79 -8.76 -5.10
N GLN A 305 -24.55 -9.22 -4.99
CA GLN A 305 -23.87 -9.42 -3.72
C GLN A 305 -22.61 -8.59 -3.72
N PRO A 306 -22.61 -7.43 -3.04
CA PRO A 306 -21.47 -6.51 -3.20
C PRO A 306 -20.12 -7.11 -2.85
N VAL A 307 -20.06 -7.91 -1.78
CA VAL A 307 -18.78 -8.44 -1.31
C VAL A 307 -18.14 -9.31 -2.38
N TYR A 308 -18.94 -10.05 -3.14
CA TYR A 308 -18.37 -10.85 -4.23
C TYR A 308 -17.81 -9.97 -5.33
N ALA A 309 -18.53 -8.90 -5.68
CA ALA A 309 -18.01 -7.96 -6.66
C ALA A 309 -16.70 -7.33 -6.17
N THR A 310 -16.63 -7.05 -4.86
CA THR A 310 -15.38 -6.56 -4.28
C THR A 310 -14.27 -7.57 -4.45
N ILE A 311 -14.53 -8.84 -4.10
CA ILE A 311 -13.54 -9.89 -4.29
C ILE A 311 -13.11 -9.97 -5.74
N GLY A 312 -14.06 -9.80 -6.66
CA GLY A 312 -13.71 -9.79 -8.08
C GLY A 312 -12.74 -8.69 -8.44
N SER A 313 -12.91 -7.51 -7.82
CA SER A 313 -11.95 -6.43 -8.02
C SER A 313 -10.57 -6.83 -7.52
N GLY A 314 -10.50 -7.45 -6.34
CA GLY A 314 -9.22 -7.91 -5.80
C GLY A 314 -8.58 -9.00 -6.63
N ILE A 315 -9.40 -9.87 -7.22
CA ILE A 315 -8.86 -10.84 -8.17
C ILE A 315 -8.31 -10.13 -9.39
N VAL A 316 -9.06 -9.16 -9.92
CA VAL A 316 -8.58 -8.38 -11.06
C VAL A 316 -7.33 -7.61 -10.67
N ASN A 317 -7.31 -7.07 -9.45
CA ASN A 317 -6.16 -6.32 -8.97
C ASN A 317 -4.91 -7.21 -8.94
N THR A 318 -5.05 -8.44 -8.46
CA THR A 318 -3.90 -9.34 -8.42
C THR A 318 -3.47 -9.74 -9.83
N ALA A 319 -4.43 -10.02 -10.70
CA ALA A 319 -4.10 -10.48 -12.04
C ALA A 319 -3.35 -9.41 -12.83
N PHE A 320 -3.73 -8.15 -12.67
CA PHE A 320 -3.07 -7.10 -13.43
C PHE A 320 -1.77 -6.65 -12.78
N THR A 321 -1.66 -6.79 -11.46
CA THR A 321 -0.35 -6.66 -10.81
C THR A 321 0.63 -7.69 -11.36
N VAL A 322 0.20 -8.96 -11.44
CA VAL A 322 1.04 -9.99 -12.03
C VAL A 322 1.30 -9.68 -13.50
N VAL A 323 0.28 -9.17 -14.20
CA VAL A 323 0.46 -8.80 -15.60
C VAL A 323 1.39 -7.59 -15.73
N SER A 324 1.25 -6.61 -14.83
CA SER A 324 2.08 -5.42 -14.91
C SER A 324 3.56 -5.75 -14.78
N LEU A 325 3.90 -6.79 -14.01
CA LEU A 325 5.31 -7.13 -13.81
C LEU A 325 5.99 -7.48 -15.13
N PHE A 326 5.25 -8.04 -16.07
CA PHE A 326 5.82 -8.45 -17.34
C PHE A 326 5.72 -7.39 -18.42
N VAL A 327 5.02 -6.29 -18.15
CA VAL A 327 4.84 -5.24 -19.15
C VAL A 327 5.62 -3.97 -18.84
N VAL A 328 5.95 -3.71 -17.58
CA VAL A 328 6.63 -2.45 -17.24
C VAL A 328 8.00 -2.36 -17.89
N GLU A 329 8.67 -3.48 -18.10
CA GLU A 329 9.99 -3.50 -18.70
C GLU A 329 9.93 -3.70 -20.22
N ARG A 330 8.75 -3.57 -20.82
CA ARG A 330 8.58 -3.70 -22.27
C ARG A 330 7.97 -2.45 -22.90
N ALA A 331 7.83 -1.37 -22.14
CA ALA A 331 7.30 -0.12 -22.66
C ALA A 331 7.75 1.02 -21.75
N GLY A 332 7.72 2.23 -22.29
CA GLY A 332 8.21 3.38 -21.55
C GLY A 332 7.30 3.75 -20.40
N ARG A 333 7.93 4.31 -19.34
CA ARG A 333 7.17 4.74 -18.16
C ARG A 333 6.11 5.77 -18.54
N ARG A 334 6.46 6.68 -19.44
CA ARG A 334 5.55 7.76 -19.80
C ARG A 334 4.29 7.24 -20.50
N THR A 335 4.46 6.28 -21.40
CA THR A 335 3.31 5.77 -22.15
C THR A 335 2.37 4.98 -21.25
N LEU A 336 2.91 4.07 -20.43
CA LEU A 336 2.05 3.24 -19.60
C LEU A 336 1.33 4.04 -18.53
N HIS A 337 1.92 5.14 -18.05
CA HIS A 337 1.23 5.96 -17.07
C HIS A 337 0.02 6.68 -17.67
N LEU A 338 0.17 7.21 -18.89
CA LEU A 338 -0.93 7.90 -19.53
C LEU A 338 -2.04 6.93 -19.93
N ILE A 339 -1.68 5.77 -20.47
CA ILE A 339 -2.66 4.74 -20.78
C ILE A 339 -3.47 4.39 -19.52
N GLY A 340 -2.79 4.23 -18.39
CA GLY A 340 -3.48 3.93 -17.16
C GLY A 340 -4.42 5.04 -16.74
N LEU A 341 -3.91 6.28 -16.69
CA LEU A 341 -4.75 7.42 -16.33
C LEU A 341 -5.94 7.56 -17.27
N ALA A 342 -5.74 7.28 -18.57
CA ALA A 342 -6.83 7.41 -19.53
C ALA A 342 -7.86 6.31 -19.34
N GLY A 343 -7.41 5.07 -19.16
CA GLY A 343 -8.35 3.99 -18.89
C GLY A 343 -9.18 4.24 -17.64
N MET A 344 -8.51 4.61 -16.54
CA MET A 344 -9.23 4.93 -15.31
C MET A 344 -10.21 6.08 -15.52
N ALA A 345 -9.88 7.03 -16.40
CA ALA A 345 -10.79 8.13 -16.67
C ALA A 345 -12.05 7.65 -17.36
N GLY A 346 -11.91 6.79 -18.37
CA GLY A 346 -13.08 6.25 -19.04
C GLY A 346 -13.89 5.33 -18.15
N CYS A 347 -13.22 4.49 -17.36
CA CYS A 347 -13.94 3.60 -16.45
C CYS A 347 -14.70 4.40 -15.41
N ALA A 348 -14.12 5.51 -14.95
CA ALA A 348 -14.83 6.38 -14.03
C ALA A 348 -15.97 7.13 -14.70
N ILE A 349 -15.93 7.26 -16.03
CA ILE A 349 -17.06 7.80 -16.78
C ILE A 349 -18.15 6.75 -16.91
N LEU A 350 -17.79 5.55 -17.37
CA LEU A 350 -18.74 4.43 -17.40
C LEU A 350 -19.37 4.21 -16.04
N MET A 351 -18.57 4.35 -14.98
CA MET A 351 -19.10 4.23 -13.63
C MET A 351 -20.17 5.27 -13.36
N THR A 352 -19.99 6.48 -13.88
CA THR A 352 -20.95 7.55 -13.62
C THR A 352 -22.24 7.36 -14.43
N ILE A 353 -22.13 6.95 -15.69
CA ILE A 353 -23.34 6.74 -16.48
C ILE A 353 -24.10 5.52 -15.99
N ALA A 354 -23.40 4.52 -15.45
CA ALA A 354 -24.09 3.37 -14.86
C ALA A 354 -24.80 3.76 -13.58
N LEU A 355 -24.12 4.51 -12.71
CA LEU A 355 -24.74 4.97 -11.47
C LEU A 355 -25.91 5.91 -11.75
N ALA A 356 -25.84 6.70 -12.81
CA ALA A 356 -26.88 7.67 -13.11
C ALA A 356 -28.05 7.07 -13.89
N LEU A 357 -27.85 5.90 -14.52
CA LEU A 357 -28.91 5.22 -15.26
C LEU A 357 -29.36 3.93 -14.59
N LEU A 358 -29.12 3.80 -13.28
CA LEU A 358 -29.50 2.58 -12.58
C LEU A 358 -31.00 2.53 -12.32
N GLU A 359 -31.59 3.64 -11.87
CA GLU A 359 -33.02 3.67 -11.62
C GLU A 359 -33.82 3.37 -12.89
N GLN A 360 -33.28 3.74 -14.05
CA GLN A 360 -33.96 3.47 -15.31
C GLN A 360 -33.63 2.10 -15.86
N LEU A 361 -32.46 1.55 -15.50
CA LEU A 361 -32.05 0.23 -15.99
C LEU A 361 -31.45 -0.58 -14.84
N PRO A 362 -32.10 -1.67 -14.43
CA PRO A 362 -31.56 -2.43 -13.29
C PRO A 362 -30.24 -3.10 -13.59
N TRP A 363 -30.01 -3.52 -14.84
CA TRP A 363 -28.79 -4.22 -15.21
C TRP A 363 -27.55 -3.33 -15.17
N MET A 364 -27.72 -2.02 -14.97
CA MET A 364 -26.58 -1.14 -14.78
C MET A 364 -25.73 -1.54 -13.58
N SER A 365 -26.30 -2.30 -12.64
CA SER A 365 -25.51 -2.85 -11.55
C SER A 365 -24.32 -3.64 -12.07
N TYR A 366 -24.51 -4.37 -13.18
CA TYR A 366 -23.41 -5.14 -13.73
C TYR A 366 -22.40 -4.24 -14.42
N LEU A 367 -22.84 -3.10 -14.96
CA LEU A 367 -21.90 -2.17 -15.57
C LEU A 367 -20.96 -1.56 -14.54
N SER A 368 -21.43 -1.39 -13.30
CA SER A 368 -20.56 -0.87 -12.26
C SER A 368 -19.47 -1.88 -11.91
N ILE A 369 -19.79 -3.17 -11.94
CA ILE A 369 -18.78 -4.20 -11.71
C ILE A 369 -17.71 -4.15 -12.81
N VAL A 370 -18.14 -3.93 -14.06
CA VAL A 370 -17.19 -3.82 -15.16
C VAL A 370 -16.37 -2.55 -15.04
N ALA A 371 -17.02 -1.43 -14.69
CA ALA A 371 -16.31 -0.16 -14.57
C ALA A 371 -15.21 -0.26 -13.53
N ILE A 372 -15.50 -0.88 -12.39
CA ILE A 372 -14.51 -0.97 -11.31
C ILE A 372 -13.41 -1.96 -11.66
N PHE A 373 -13.76 -3.09 -12.27
CA PHE A 373 -12.75 -4.06 -12.68
C PHE A 373 -11.72 -3.40 -13.60
N GLY A 374 -12.18 -2.59 -14.57
CA GLY A 374 -11.27 -1.90 -15.46
C GLY A 374 -10.59 -0.71 -14.82
N PHE A 375 -11.31 0.02 -13.97
CA PHE A 375 -10.70 1.04 -13.14
C PHE A 375 -9.52 0.48 -12.35
N VAL A 376 -9.71 -0.68 -11.73
CA VAL A 376 -8.64 -1.33 -10.98
C VAL A 376 -7.57 -1.88 -11.93
N ALA A 377 -7.98 -2.41 -13.08
CA ALA A 377 -7.03 -3.02 -13.99
C ALA A 377 -6.09 -1.99 -14.59
N PHE A 378 -6.62 -0.84 -15.03
CA PHE A 378 -5.78 0.20 -15.61
C PHE A 378 -4.83 0.79 -14.57
N PHE A 379 -5.22 0.76 -13.29
CA PHE A 379 -4.37 1.30 -12.24
C PHE A 379 -3.06 0.51 -12.13
N GLU A 380 -3.16 -0.82 -12.04
CA GLU A 380 -1.97 -1.63 -11.82
C GLU A 380 -1.01 -1.58 -13.00
N VAL A 381 -1.49 -1.20 -14.19
CA VAL A 381 -0.62 -1.15 -15.36
C VAL A 381 0.10 0.19 -15.45
N GLY A 382 -0.48 1.27 -14.93
CA GLY A 382 0.14 2.57 -15.03
C GLY A 382 0.31 3.26 -13.69
N PRO A 383 -0.72 3.97 -13.24
CA PRO A 383 -0.58 4.81 -12.03
C PRO A 383 -0.12 4.06 -10.79
N GLY A 384 -0.14 2.72 -10.80
CA GLY A 384 0.29 1.94 -9.66
C GLY A 384 1.79 1.97 -9.46
N PRO A 385 2.53 1.31 -10.34
CA PRO A 385 3.98 1.19 -10.14
C PRO A 385 4.81 2.35 -10.66
N ILE A 386 4.33 3.07 -11.67
CA ILE A 386 5.16 3.99 -12.46
C ILE A 386 5.61 5.23 -11.68
N PRO A 387 4.77 5.87 -10.87
CA PRO A 387 5.28 6.93 -9.99
C PRO A 387 6.55 6.57 -9.23
N TRP A 388 6.72 5.28 -8.85
CA TRP A 388 7.94 4.88 -8.16
C TRP A 388 9.11 4.67 -9.12
N PHE A 389 8.83 4.30 -10.37
CA PHE A 389 9.90 4.15 -11.35
C PHE A 389 10.54 5.48 -11.69
N ILE A 390 9.72 6.49 -12.00
CA ILE A 390 10.28 7.77 -12.42
C ILE A 390 11.08 8.41 -11.28
N VAL A 391 10.58 8.33 -10.04
CA VAL A 391 11.29 8.98 -8.95
C VAL A 391 12.65 8.32 -8.73
N ALA A 392 12.73 6.99 -8.86
CA ALA A 392 14.01 6.33 -8.71
C ALA A 392 14.96 6.66 -9.85
N GLU A 393 14.43 6.93 -11.04
CA GLU A 393 15.24 7.27 -12.19
C GLU A 393 15.40 8.77 -12.40
N LEU A 394 14.63 9.59 -11.69
CA LEU A 394 14.84 11.03 -11.71
C LEU A 394 15.99 11.46 -10.83
N PHE A 395 16.41 10.64 -9.87
CA PHE A 395 17.39 11.02 -8.86
C PHE A 395 18.50 10.00 -8.77
N SER A 396 19.74 10.50 -8.65
CA SER A 396 20.89 9.65 -8.39
C SER A 396 21.00 9.38 -6.88
N GLN A 397 21.96 8.52 -6.52
CA GLN A 397 22.03 8.00 -5.15
C GLN A 397 22.09 9.10 -4.10
N GLY A 398 22.64 10.26 -4.46
CA GLY A 398 22.75 11.38 -3.55
C GLY A 398 21.41 11.82 -3.00
N PRO A 399 20.56 12.39 -3.87
CA PRO A 399 19.25 12.86 -3.40
C PRO A 399 18.16 11.78 -3.36
N ARG A 400 18.39 10.62 -3.97
CA ARG A 400 17.31 9.65 -4.13
C ARG A 400 16.62 9.27 -2.83
N PRO A 401 17.31 8.97 -1.73
CA PRO A 401 16.58 8.70 -0.47
C PRO A 401 15.61 9.81 -0.07
N ALA A 402 16.08 11.06 0.01
CA ALA A 402 15.18 12.16 0.31
C ALA A 402 14.01 12.24 -0.66
N ALA A 403 14.26 11.92 -1.94
CA ALA A 403 13.20 12.01 -2.93
C ALA A 403 12.14 10.94 -2.70
N ILE A 404 12.57 9.73 -2.31
CA ILE A 404 11.62 8.66 -2.02
C ILE A 404 10.81 9.01 -0.78
N ALA A 405 11.48 9.47 0.28
CA ALA A 405 10.79 9.91 1.48
C ALA A 405 9.72 10.96 1.16
N VAL A 406 10.06 11.95 0.34
CA VAL A 406 9.07 12.96 -0.06
C VAL A 406 7.95 12.33 -0.88
N ALA A 407 8.31 11.44 -1.81
CA ALA A 407 7.31 10.71 -2.59
C ALA A 407 6.36 9.94 -1.68
N GLY A 408 6.92 9.17 -0.74
CA GLY A 408 6.07 8.41 0.17
C GLY A 408 5.16 9.28 1.01
N PHE A 409 5.64 10.47 1.40
CA PHE A 409 4.79 11.37 2.17
C PHE A 409 3.69 11.96 1.29
N SER A 410 3.95 12.13 0.00
CA SER A 410 2.90 12.60 -0.91
C SER A 410 1.86 11.52 -1.14
N ASN A 411 2.30 10.26 -1.18
CA ASN A 411 1.41 9.12 -1.35
C ASN A 411 0.45 9.01 -0.16
N TRP A 412 0.99 8.87 1.04
CA TRP A 412 0.16 8.74 2.24
C TRP A 412 -0.79 9.91 2.41
N THR A 413 -0.32 11.13 2.12
CA THR A 413 -1.12 12.32 2.33
C THR A 413 -2.36 12.31 1.43
N SER A 414 -2.19 11.91 0.17
CA SER A 414 -3.32 11.90 -0.74
C SER A 414 -4.18 10.65 -0.55
N ASN A 415 -3.57 9.55 -0.11
CA ASN A 415 -4.37 8.44 0.40
C ASN A 415 -5.33 8.91 1.48
N PHE A 416 -4.80 9.61 2.50
CA PHE A 416 -5.63 10.14 3.57
C PHE A 416 -6.81 10.95 3.03
N ILE A 417 -6.55 11.83 2.07
CA ILE A 417 -7.59 12.72 1.57
C ILE A 417 -8.75 11.91 1.02
N VAL A 418 -8.45 10.92 0.19
CA VAL A 418 -9.50 10.09 -0.41
C VAL A 418 -10.25 9.33 0.67
N GLY A 419 -9.53 8.55 1.47
CA GLY A 419 -10.17 7.71 2.47
C GLY A 419 -10.89 8.48 3.57
N MET A 420 -10.50 9.73 3.81
CA MET A 420 -11.19 10.56 4.80
C MET A 420 -12.35 11.35 4.19
N CYS A 421 -12.34 11.58 2.88
CA CYS A 421 -13.28 12.50 2.25
C CYS A 421 -14.17 11.88 1.20
N PHE A 422 -13.88 10.65 0.74
CA PHE A 422 -14.69 10.06 -0.31
C PHE A 422 -16.17 10.02 0.07
N GLN A 423 -16.48 9.61 1.30
CA GLN A 423 -17.88 9.48 1.68
C GLN A 423 -18.57 10.83 1.82
N TYR A 424 -17.82 11.88 2.17
CA TYR A 424 -18.40 13.23 2.20
C TYR A 424 -18.85 13.65 0.80
N VAL A 425 -17.97 13.52 -0.19
CA VAL A 425 -18.35 13.88 -1.55
C VAL A 425 -19.23 12.83 -2.21
N GLU A 426 -19.43 11.68 -1.55
CA GLU A 426 -20.37 10.69 -2.05
C GLU A 426 -21.81 11.09 -1.74
N GLN A 427 -22.10 11.40 -0.48
CA GLN A 427 -23.44 11.84 -0.08
C GLN A 427 -23.75 13.25 -0.56
N LEU A 428 -22.85 13.86 -1.32
CA LEU A 428 -23.02 15.20 -1.85
C LEU A 428 -23.10 15.25 -3.36
N CYS A 429 -22.42 14.34 -4.05
CA CYS A 429 -22.42 14.27 -5.50
C CYS A 429 -23.21 13.10 -6.05
N GLY A 430 -23.51 12.10 -5.23
CA GLY A 430 -24.29 10.96 -5.65
C GLY A 430 -23.64 10.21 -6.79
N PRO A 431 -24.39 9.96 -7.86
CA PRO A 431 -23.82 9.22 -9.00
C PRO A 431 -22.70 9.94 -9.71
N TYR A 432 -22.42 11.20 -9.35
CA TYR A 432 -21.41 12.01 -10.01
C TYR A 432 -20.14 12.15 -9.18
N VAL A 433 -19.87 11.20 -8.30
CA VAL A 433 -18.62 11.26 -7.54
C VAL A 433 -17.44 10.91 -8.43
N PHE A 434 -17.60 9.89 -9.27
CA PHE A 434 -16.48 9.45 -10.11
C PHE A 434 -16.14 10.42 -11.21
N ILE A 435 -16.97 11.44 -11.49
CA ILE A 435 -16.49 12.46 -12.41
C ILE A 435 -15.42 13.30 -11.74
N ILE A 436 -15.53 13.51 -10.42
CA ILE A 436 -14.45 14.18 -9.69
C ILE A 436 -13.12 13.48 -9.93
N PHE A 437 -13.13 12.15 -9.97
CA PHE A 437 -11.92 11.42 -10.28
C PHE A 437 -11.53 11.59 -11.74
N THR A 438 -12.51 11.61 -12.65
CA THR A 438 -12.18 11.86 -14.05
C THR A 438 -11.51 13.23 -14.22
N VAL A 439 -12.02 14.25 -13.54
CA VAL A 439 -11.43 15.57 -13.65
C VAL A 439 -10.00 15.55 -13.13
N LEU A 440 -9.77 14.88 -12.00
CA LEU A 440 -8.42 14.71 -11.49
C LEU A 440 -7.55 13.93 -12.47
N LEU A 441 -8.04 12.76 -12.91
CA LEU A 441 -7.30 11.95 -13.86
C LEU A 441 -6.92 12.74 -15.11
N VAL A 442 -7.82 13.59 -15.60
CA VAL A 442 -7.54 14.33 -16.82
C VAL A 442 -6.47 15.40 -16.58
N LEU A 443 -6.58 16.13 -15.47
CA LEU A 443 -5.52 17.06 -15.10
C LEU A 443 -4.18 16.35 -15.00
N PHE A 444 -4.12 15.28 -14.18
CA PHE A 444 -2.91 14.47 -14.10
C PHE A 444 -2.46 13.99 -15.48
N PHE A 445 -3.40 13.72 -16.38
CA PHE A 445 -3.04 13.30 -17.73
C PHE A 445 -2.30 14.41 -18.47
N ILE A 446 -2.86 15.62 -18.48
CA ILE A 446 -2.19 16.69 -19.22
C ILE A 446 -0.90 17.09 -18.52
N PHE A 447 -0.87 17.01 -17.18
CA PHE A 447 0.40 17.25 -16.49
C PHE A 447 1.46 16.27 -16.95
N THR A 448 1.12 14.97 -16.96
CA THR A 448 2.08 13.96 -17.40
C THR A 448 2.45 14.13 -18.87
N TYR A 449 1.52 14.62 -19.69
CA TYR A 449 1.83 14.79 -21.11
C TYR A 449 2.81 15.93 -21.34
N PHE A 450 2.84 16.93 -20.48
CA PHE A 450 3.67 18.11 -20.67
C PHE A 450 4.91 18.13 -19.79
N LYS A 451 4.76 17.90 -18.49
CA LYS A 451 5.83 18.17 -17.54
C LYS A 451 6.71 16.95 -17.25
N VAL A 452 6.20 15.74 -17.41
CA VAL A 452 6.90 14.53 -16.98
C VAL A 452 7.78 14.04 -18.15
N PRO A 453 9.10 13.95 -17.98
CA PRO A 453 9.94 13.38 -19.01
C PRO A 453 10.00 11.86 -18.94
N GLU A 454 10.48 11.25 -20.02
CA GLU A 454 10.55 9.80 -20.12
C GLU A 454 11.89 9.31 -19.59
N THR A 455 11.84 8.31 -18.72
CA THR A 455 13.05 7.74 -18.15
C THR A 455 13.19 6.26 -18.53
C1 BNG B . -0.74 0.23 -4.26
C2 BNG B . -1.09 1.54 -3.57
C3 BNG B . -2.15 1.28 -2.50
C4 BNG B . -3.35 0.58 -3.10
C5 BNG B . -2.89 -0.70 -3.80
C6 BNG B . -3.99 -1.43 -4.53
C1' BNG B . 0.81 -0.66 -5.83
C2' BNG B . 2.24 -0.29 -6.16
C3' BNG B . 3.03 -1.43 -6.79
C4' BNG B . 4.41 -1.06 -7.31
C5' BNG B . 5.48 -0.88 -6.25
C6' BNG B . 6.88 -0.66 -6.84
C7' BNG B . 8.02 -0.73 -5.81
C8' BNG B . 8.10 -2.05 -5.04
C9' BNG B . 9.31 -2.16 -4.13
O1 BNG B . 0.15 0.50 -5.30
O2 BNG B . 0.07 2.12 -2.98
O3 BNG B . -2.55 2.51 -1.91
O4 BNG B . -4.30 0.25 -2.09
O5 BNG B . -1.91 -0.37 -4.80
O6 BNG B . -3.45 -2.39 -5.41
C1 BNG C . 22.11 -9.19 17.49
C2 BNG C . 22.49 -8.87 16.06
C3 BNG C . 23.72 -9.66 15.65
C4 BNG C . 24.85 -9.53 16.67
C5 BNG C . 24.33 -9.76 18.10
C6 BNG C . 25.36 -9.43 19.14
C1' BNG C . 20.57 -8.59 19.19
C2' BNG C . 19.42 -7.66 19.46
C3' BNG C . 18.15 -8.05 18.73
C4' BNG C . 17.14 -6.93 18.63
C5' BNG C . 15.79 -7.34 18.09
C6' BNG C . 14.90 -8.01 19.12
C7' BNG C . 13.43 -7.67 18.95
C8' BNG C . 12.59 -7.96 20.16
C9' BNG C . 12.52 -9.42 20.49
O1 BNG C . 21.00 -8.42 17.84
O2 BNG C . 21.41 -9.18 15.19
O3 BNG C . 24.19 -9.21 14.38
O4 BNG C . 25.84 -10.52 16.39
O5 BNG C . 23.20 -8.92 18.35
O6 BNG C . 25.76 -8.07 19.06
O22 P33 D . 12.66 1.47 0.76
C21 P33 D . 11.92 1.54 -0.45
C20 P33 D . 10.45 1.72 -0.21
O19 P33 D . 10.23 2.93 0.51
C18 P33 D . 9.14 3.69 0.01
C17 P33 D . 8.33 4.22 1.15
O16 P33 D . 7.40 5.19 0.67
C15 P33 D . 6.07 5.01 1.17
C14 P33 D . 5.26 4.16 0.23
O13 P33 D . 3.87 4.29 0.50
C12 P33 D . 3.06 3.41 -0.28
C11 P33 D . 3.67 2.04 -0.30
O10 P33 D . 3.04 1.19 -1.25
C9 P33 D . 3.66 1.24 -2.54
C8 P33 D . 4.89 0.39 -2.58
O7 P33 D . 6.01 1.11 -2.08
C6 P33 D . 7.26 0.54 -2.46
C5 P33 D . 8.15 1.57 -3.06
O4 P33 D . 9.35 0.96 -3.50
C3 P33 D . 10.40 1.88 -3.73
C2 P33 D . 11.68 1.12 -3.92
O1 P33 D . 12.80 1.98 -4.01
CL CL E . 19.93 -6.64 8.54
#